data_2VFR
#
_entry.id   2VFR
#
_cell.length_a   106.023
_cell.length_b   68.614
_cell.length_c   57.977
_cell.angle_alpha   90.00
_cell.angle_beta   95.15
_cell.angle_gamma   90.00
#
_symmetry.space_group_name_H-M   'C 1 2 1'
#
loop_
_entity.id
_entity.type
_entity.pdbx_description
1 polymer 'XYLITOL OXIDASE'
2 non-polymer 'FLAVIN-ADENINE DINUCLEOTIDE'
3 non-polymer 'CHLORIDE ION'
4 water water
#
_entity_poly.entity_id   1
_entity_poly.type   'polypeptide(L)'
_entity_poly.pdbx_seq_one_letter_code
;ISEFMSDITVTNWAGNITYTAKELLRPHSLDALRALVADSARVRVLGSGHSFNEIAEPGDGGVLLSLAGLPSVVDVDTAA
RTVRVGGGVRYAELARVVHARGLALPNMASLPHISVAGSVATGTHGSGVGNGSLASVVREVELVTADGSTVVIARGDERF
GGAVTSLGALGVVTSLTLDLEPAYEMEQHVFTELPLAGLDPATFETVMAAAYSVSLFTDWRAPGFRQVWLKRRTDRPLDG
FPYAAPAAEKMHPVPGMPAVNCTEQFGVPGPWHERLPHFRAEFTPSSGAELQSEYLMPREHALAALHAMDAIRETLAPVL
QTCEIRTVAADAQWLSPAYGRDTVAAHFTWVEDTAAVLPVVRRLEEALVPFAARPHWGKVFTVPAGELRALYPRLADFGA
LAGALDPAGKFTNAFVRGVLAG
;
_entity_poly.pdbx_strand_id   A
#
# COMPACT_ATOMS: atom_id res chain seq x y z
N PHE A 4 28.42 -19.00 11.74
CA PHE A 4 26.95 -19.24 11.89
C PHE A 4 26.32 -18.13 12.73
N MET A 5 27.02 -17.70 13.78
CA MET A 5 26.48 -16.73 14.74
C MET A 5 26.83 -15.30 14.42
N SER A 6 27.52 -15.06 13.33
CA SER A 6 27.96 -13.72 13.00
C SER A 6 26.79 -12.78 12.67
N ASP A 7 27.01 -11.50 12.96
CA ASP A 7 26.07 -10.43 12.63
C ASP A 7 25.76 -10.41 11.14
N ILE A 8 24.49 -10.17 10.79
CA ILE A 8 24.13 -9.93 9.39
C ILE A 8 23.52 -8.54 9.27
N THR A 9 23.44 -8.04 8.05
CA THR A 9 22.78 -6.77 7.80
C THR A 9 21.39 -7.01 7.25
N VAL A 10 20.44 -6.36 7.89
CA VAL A 10 19.03 -6.47 7.53
C VAL A 10 18.57 -5.11 7.02
N THR A 11 17.97 -5.11 5.81
CA THR A 11 17.48 -3.86 5.21
C THR A 11 16.04 -4.06 4.76
N ASN A 12 15.44 -2.95 4.34
CA ASN A 12 14.18 -3.01 3.57
C ASN A 12 14.46 -3.41 2.11
N TRP A 13 13.40 -3.50 1.31
CA TRP A 13 13.50 -4.02 -0.06
C TRP A 13 14.36 -3.09 -0.91
N ALA A 14 14.15 -1.78 -0.84
CA ALA A 14 14.93 -0.84 -1.65
C ALA A 14 16.34 -0.60 -1.11
N GLY A 15 16.59 -1.04 0.11
CA GLY A 15 17.91 -0.94 0.72
C GLY A 15 18.30 0.42 1.26
N ASN A 16 17.40 1.42 1.22
CA ASN A 16 17.71 2.74 1.77
C ASN A 16 17.61 2.74 3.30
N ILE A 17 16.98 1.74 3.89
CA ILE A 17 16.84 1.63 5.33
C ILE A 17 17.62 0.39 5.79
N THR A 18 18.64 0.62 6.63
CA THR A 18 19.38 -0.46 7.28
C THR A 18 18.92 -0.51 8.73
N TYR A 19 18.36 -1.65 9.13
CA TYR A 19 17.87 -1.78 10.49
C TYR A 19 19.04 -1.97 11.48
N THR A 20 18.80 -1.63 12.73
CA THR A 20 19.82 -1.85 13.77
C THR A 20 20.00 -3.31 14.10
N ALA A 21 19.00 -4.14 13.78
CA ALA A 21 19.03 -5.59 14.10
C ALA A 21 20.17 -6.27 13.42
N LYS A 22 20.87 -7.10 14.16
CA LYS A 22 21.96 -7.89 13.58
C LYS A 22 21.56 -9.32 13.24
N GLU A 23 20.28 -9.64 13.47
CA GLU A 23 19.69 -10.85 12.99
CA GLU A 23 19.67 -10.91 13.12
C GLU A 23 18.19 -10.61 12.83
N LEU A 24 17.61 -11.34 11.88
CA LEU A 24 16.17 -11.31 11.64
C LEU A 24 15.64 -12.61 12.23
N LEU A 25 14.88 -12.52 13.31
CA LEU A 25 14.45 -13.75 13.94
C LEU A 25 13.25 -14.33 13.19
N ARG A 26 13.34 -15.65 13.02
N ARG A 26 13.30 -15.63 12.84
CA ARG A 26 12.43 -16.42 12.17
CA ARG A 26 12.24 -16.28 12.05
C ARG A 26 11.82 -17.64 12.90
C ARG A 26 11.82 -17.54 12.85
N PRO A 27 11.00 -17.35 13.90
CA PRO A 27 10.53 -18.51 14.66
C PRO A 27 9.81 -19.55 13.77
N HIS A 28 10.08 -20.83 14.00
N HIS A 28 10.05 -20.79 14.14
CA HIS A 28 9.52 -21.90 13.12
CA HIS A 28 9.69 -21.96 13.33
C HIS A 28 8.27 -22.57 13.67
C HIS A 28 8.26 -22.45 13.60
N SER A 29 7.68 -21.99 14.71
CA SER A 29 6.40 -22.43 15.21
C SER A 29 5.69 -21.28 15.91
N LEU A 30 4.39 -21.39 16.02
N LEU A 30 4.37 -21.36 15.99
CA LEU A 30 3.60 -20.41 16.71
CA LEU A 30 3.59 -20.39 16.78
C LEU A 30 3.95 -20.41 18.22
C LEU A 30 4.05 -20.39 18.23
N ASP A 31 4.27 -21.58 18.79
CA ASP A 31 4.77 -21.63 20.17
C ASP A 31 6.04 -20.81 20.33
N ALA A 32 6.99 -20.99 19.43
CA ALA A 32 8.21 -20.22 19.47
C ALA A 32 7.95 -18.72 19.28
N LEU A 33 7.02 -18.37 18.41
CA LEU A 33 6.72 -16.96 18.23
C LEU A 33 6.12 -16.34 19.48
N ARG A 34 5.18 -17.01 20.10
CA ARG A 34 4.59 -16.52 21.32
C ARG A 34 5.64 -16.31 22.40
N ALA A 35 6.54 -17.27 22.54
CA ALA A 35 7.60 -17.16 23.57
C ALA A 35 8.57 -16.03 23.26
N LEU A 36 8.96 -15.87 21.99
CA LEU A 36 9.84 -14.79 21.61
C LEU A 36 9.19 -13.43 21.86
N VAL A 37 7.93 -13.27 21.53
CA VAL A 37 7.24 -12.01 21.78
C VAL A 37 7.17 -11.73 23.29
N ALA A 38 6.73 -12.72 24.06
CA ALA A 38 6.60 -12.54 25.52
C ALA A 38 7.91 -12.19 26.21
N ASP A 39 8.98 -12.80 25.72
CA ASP A 39 10.29 -12.66 26.35
C ASP A 39 11.10 -11.45 25.89
N SER A 40 10.65 -10.75 24.86
CA SER A 40 11.33 -9.59 24.28
C SER A 40 10.76 -8.30 24.79
N ALA A 41 11.64 -7.35 25.13
CA ALA A 41 11.18 -6.06 25.65
C ALA A 41 10.51 -5.14 24.63
N ARG A 42 11.03 -5.12 23.40
CA ARG A 42 10.48 -4.30 22.31
CA ARG A 42 10.46 -4.32 22.32
C ARG A 42 10.55 -5.14 21.05
N VAL A 43 9.47 -5.10 20.24
CA VAL A 43 9.35 -5.93 19.04
C VAL A 43 8.81 -5.07 17.87
N ARG A 44 9.33 -5.32 16.66
CA ARG A 44 8.66 -4.96 15.42
C ARG A 44 8.76 -6.13 14.47
N VAL A 45 7.79 -6.18 13.56
CA VAL A 45 7.74 -7.24 12.51
C VAL A 45 8.25 -6.70 11.20
N LEU A 46 9.06 -7.50 10.52
CA LEU A 46 9.41 -7.27 9.12
C LEU A 46 8.56 -8.20 8.25
N GLY A 47 7.85 -7.60 7.30
CA GLY A 47 7.13 -8.35 6.26
C GLY A 47 8.06 -8.46 5.08
N SER A 48 7.59 -7.99 3.92
CA SER A 48 8.38 -8.05 2.69
C SER A 48 9.22 -6.77 2.44
N GLY A 49 9.31 -5.89 3.43
CA GLY A 49 10.22 -4.74 3.38
C GLY A 49 9.92 -3.65 2.35
N HIS A 50 8.69 -3.64 1.82
CA HIS A 50 8.27 -2.63 0.85
C HIS A 50 7.76 -1.32 1.48
N SER A 51 8.25 -1.05 2.68
CA SER A 51 8.24 0.35 3.20
C SER A 51 9.60 1.02 2.92
N PHE A 52 9.61 2.37 3.02
CA PHE A 52 10.74 3.19 2.61
C PHE A 52 11.24 4.08 3.72
N ASN A 53 10.80 3.79 4.96
CA ASN A 53 11.07 4.65 6.12
C ASN A 53 11.41 3.74 7.31
N GLU A 54 11.41 4.31 8.51
N GLU A 54 11.48 4.29 8.52
CA GLU A 54 11.79 3.61 9.76
CA GLU A 54 11.85 3.49 9.69
C GLU A 54 10.64 2.87 10.42
C GLU A 54 10.63 2.91 10.43
N ILE A 55 9.55 2.62 9.70
CA ILE A 55 8.39 2.01 10.34
C ILE A 55 8.67 0.63 10.95
N ALA A 56 9.52 -0.18 10.34
CA ALA A 56 9.82 -1.50 10.89
C ALA A 56 11.02 -1.49 11.86
N GLU A 57 11.69 -0.37 12.09
CA GLU A 57 12.91 -0.36 12.93
C GLU A 57 12.56 -0.46 14.41
N PRO A 58 13.07 -1.49 15.13
CA PRO A 58 12.72 -1.64 16.56
C PRO A 58 13.63 -0.93 17.55
N GLY A 59 14.64 -0.22 17.09
CA GLY A 59 15.57 0.50 17.93
C GLY A 59 16.63 -0.45 18.46
N ASP A 60 17.72 0.14 18.98
CA ASP A 60 18.83 -0.66 19.50
C ASP A 60 18.32 -1.55 20.62
N GLY A 61 18.66 -2.81 20.57
CA GLY A 61 18.21 -3.78 21.54
C GLY A 61 16.83 -4.36 21.26
N GLY A 62 16.11 -3.74 20.31
CA GLY A 62 14.79 -4.23 19.94
C GLY A 62 14.87 -5.44 19.07
N VAL A 63 13.85 -6.26 19.09
CA VAL A 63 13.78 -7.48 18.28
C VAL A 63 13.03 -7.22 16.99
N LEU A 64 13.65 -7.57 15.88
CA LEU A 64 13.01 -7.58 14.55
C LEU A 64 12.74 -9.05 14.21
N LEU A 65 11.47 -9.36 14.05
CA LEU A 65 11.08 -10.75 13.75
C LEU A 65 10.25 -10.78 12.46
N SER A 66 10.23 -11.97 11.86
CA SER A 66 9.50 -12.22 10.63
C SER A 66 8.68 -13.51 10.79
N LEU A 67 7.60 -13.65 10.01
CA LEU A 67 6.81 -14.86 9.89
C LEU A 67 7.31 -15.81 8.80
N ALA A 68 8.45 -15.52 8.18
CA ALA A 68 8.95 -16.32 7.05
C ALA A 68 9.35 -17.73 7.44
N GLY A 69 9.51 -18.01 8.72
CA GLY A 69 9.80 -19.35 9.21
C GLY A 69 8.59 -20.18 9.46
N LEU A 70 7.37 -19.59 9.45
CA LEU A 70 6.10 -20.35 9.66
C LEU A 70 5.50 -20.75 8.33
N PRO A 71 4.72 -21.88 8.26
CA PRO A 71 4.02 -22.16 7.00
C PRO A 71 3.08 -21.04 6.53
N SER A 72 3.08 -20.78 5.23
CA SER A 72 2.27 -19.73 4.61
C SER A 72 1.02 -20.44 4.06
N VAL A 73 -0.12 -20.21 4.70
CA VAL A 73 -1.37 -20.97 4.47
C VAL A 73 -2.39 -20.03 3.85
N VAL A 74 -3.16 -20.54 2.87
CA VAL A 74 -4.19 -19.77 2.15
C VAL A 74 -5.41 -20.65 2.03
N ASP A 75 -6.36 -20.41 2.92
CA ASP A 75 -7.49 -21.34 3.15
C ASP A 75 -8.80 -20.68 2.71
N VAL A 76 -9.30 -21.09 1.54
CA VAL A 76 -10.50 -20.52 0.95
C VAL A 76 -11.73 -21.30 1.39
N ASP A 77 -12.75 -20.60 1.87
CA ASP A 77 -14.07 -21.20 2.12
C ASP A 77 -14.93 -20.68 1.01
N THR A 78 -15.25 -21.56 0.06
CA THR A 78 -15.91 -21.12 -1.15
C THR A 78 -17.34 -20.70 -0.86
N ALA A 79 -18.05 -21.43 -0.02
CA ALA A 79 -19.45 -21.09 0.25
C ALA A 79 -19.58 -19.77 0.99
N ALA A 80 -18.63 -19.50 1.88
CA ALA A 80 -18.64 -18.27 2.66
C ALA A 80 -18.05 -17.09 1.87
N ARG A 81 -17.38 -17.39 0.79
CA ARG A 81 -16.60 -16.43 0.00
C ARG A 81 -15.60 -15.66 0.89
N THR A 82 -14.81 -16.45 1.64
CA THR A 82 -13.73 -15.87 2.44
C THR A 82 -12.43 -16.63 2.18
N VAL A 83 -11.31 -15.98 2.56
CA VAL A 83 -10.02 -16.65 2.59
C VAL A 83 -9.25 -16.23 3.84
N ARG A 84 -8.74 -17.23 4.58
CA ARG A 84 -7.91 -17.01 5.76
C ARG A 84 -6.47 -17.19 5.31
N VAL A 85 -5.65 -16.17 5.55
CA VAL A 85 -4.24 -16.23 5.12
CA VAL A 85 -4.29 -16.16 5.07
C VAL A 85 -3.31 -15.86 6.23
N GLY A 86 -2.17 -16.49 6.21
CA GLY A 86 -1.10 -16.07 7.10
C GLY A 86 -0.63 -14.62 6.82
N GLY A 87 -0.18 -13.92 7.83
N GLY A 87 -0.15 -13.97 7.86
CA GLY A 87 0.21 -12.51 7.62
CA GLY A 87 0.31 -12.58 7.77
C GLY A 87 1.39 -12.33 6.67
C GLY A 87 1.75 -12.44 7.30
N GLY A 88 2.21 -13.38 6.52
CA GLY A 88 3.41 -13.31 5.70
C GLY A 88 3.13 -13.74 4.26
N VAL A 89 1.95 -14.33 3.99
CA VAL A 89 1.56 -14.68 2.63
C VAL A 89 1.58 -13.39 1.81
N ARG A 90 2.04 -13.47 0.56
CA ARG A 90 2.07 -12.35 -0.34
C ARG A 90 0.89 -12.40 -1.31
N TYR A 91 0.56 -11.25 -1.87
CA TYR A 91 -0.65 -11.15 -2.72
C TYR A 91 -0.61 -12.05 -3.97
N ALA A 92 0.56 -12.28 -4.57
CA ALA A 92 0.63 -13.11 -5.77
C ALA A 92 0.10 -14.51 -5.54
N GLU A 93 0.50 -15.14 -4.43
CA GLU A 93 0.04 -16.47 -4.09
C GLU A 93 -1.41 -16.46 -3.64
N LEU A 94 -1.80 -15.49 -2.82
CA LEU A 94 -3.19 -15.34 -2.42
CA LEU A 94 -3.19 -15.35 -2.43
C LEU A 94 -4.06 -15.35 -3.67
N ALA A 95 -3.73 -14.49 -4.63
CA ALA A 95 -4.55 -14.34 -5.85
C ALA A 95 -4.62 -15.64 -6.67
N ARG A 96 -3.51 -16.35 -6.83
CA ARG A 96 -3.46 -17.63 -7.57
C ARG A 96 -4.47 -18.59 -6.97
N VAL A 97 -4.41 -18.74 -5.66
CA VAL A 97 -5.20 -19.74 -4.96
C VAL A 97 -6.70 -19.38 -5.02
N VAL A 98 -7.05 -18.12 -4.76
CA VAL A 98 -8.47 -17.75 -4.78
C VAL A 98 -9.02 -17.83 -6.21
N HIS A 99 -8.22 -17.46 -7.21
CA HIS A 99 -8.68 -17.55 -8.61
C HIS A 99 -9.01 -18.99 -8.98
N ALA A 100 -8.19 -19.93 -8.55
CA ALA A 100 -8.44 -21.36 -8.82
C ALA A 100 -9.74 -21.88 -8.21
N ARG A 101 -10.23 -21.20 -7.18
N ARG A 101 -10.25 -21.22 -7.15
CA ARG A 101 -11.48 -21.53 -6.55
CA ARG A 101 -11.57 -21.52 -6.55
C ARG A 101 -12.65 -20.74 -7.15
C ARG A 101 -12.69 -20.67 -7.13
N GLY A 102 -12.41 -19.98 -8.23
CA GLY A 102 -13.44 -19.18 -8.90
C GLY A 102 -13.79 -17.86 -8.20
N LEU A 103 -12.85 -17.35 -7.37
CA LEU A 103 -13.11 -16.17 -6.54
C LEU A 103 -11.99 -15.16 -6.77
N ALA A 104 -12.17 -13.97 -6.19
CA ALA A 104 -11.36 -12.81 -6.53
C ALA A 104 -11.44 -11.75 -5.44
N LEU A 105 -10.40 -10.92 -5.40
CA LEU A 105 -10.36 -9.66 -4.64
C LEU A 105 -10.89 -8.50 -5.50
N PRO A 106 -11.40 -7.44 -4.87
CA PRO A 106 -11.84 -6.26 -5.59
C PRO A 106 -10.70 -5.34 -6.02
N ASN A 107 -9.48 -5.50 -5.45
CA ASN A 107 -8.38 -4.66 -5.90
C ASN A 107 -7.06 -5.30 -5.48
N MET A 108 -5.99 -4.81 -6.11
CA MET A 108 -4.60 -5.16 -5.83
C MET A 108 -3.74 -3.94 -5.97
N ALA A 109 -2.57 -3.95 -5.34
CA ALA A 109 -1.53 -2.96 -5.46
C ALA A 109 -0.78 -3.16 -6.82
N SER A 110 0.17 -2.26 -7.09
CA SER A 110 0.85 -2.26 -8.38
C SER A 110 1.71 -3.50 -8.63
N LEU A 111 2.31 -4.04 -7.57
CA LEU A 111 3.26 -5.14 -7.63
C LEU A 111 2.78 -6.19 -6.62
N PRO A 112 2.56 -7.46 -7.04
CA PRO A 112 1.89 -8.43 -6.16
C PRO A 112 2.73 -9.13 -5.11
N HIS A 113 4.07 -8.91 -5.14
CA HIS A 113 4.98 -9.65 -4.27
C HIS A 113 5.22 -8.95 -2.93
N ILE A 114 4.12 -8.64 -2.27
CA ILE A 114 4.09 -7.87 -1.01
C ILE A 114 3.17 -8.57 0.01
N SER A 115 3.63 -8.67 1.25
CA SER A 115 2.89 -9.34 2.30
C SER A 115 1.49 -8.72 2.53
N VAL A 116 0.51 -9.59 2.78
CA VAL A 116 -0.83 -9.10 3.05
C VAL A 116 -0.85 -8.28 4.36
N ALA A 117 -0.30 -8.82 5.44
CA ALA A 117 -0.34 -8.07 6.73
C ALA A 117 0.40 -6.73 6.65
N GLY A 118 1.55 -6.74 6.00
CA GLY A 118 2.29 -5.50 5.87
C GLY A 118 1.61 -4.49 4.97
N SER A 119 0.94 -4.96 3.94
CA SER A 119 0.22 -4.07 3.04
C SER A 119 -0.90 -3.34 3.78
N VAL A 120 -1.75 -4.07 4.52
CA VAL A 120 -2.90 -3.48 5.16
C VAL A 120 -2.51 -2.63 6.37
N ALA A 121 -1.31 -2.87 6.91
CA ALA A 121 -0.82 -2.14 8.10
C ALA A 121 -0.66 -0.65 7.85
N THR A 122 -0.42 -0.26 6.58
CA THR A 122 -0.02 1.09 6.24
C THR A 122 -1.02 1.88 5.37
N GLY A 123 -2.08 1.24 4.90
CA GLY A 123 -2.99 1.95 4.04
C GLY A 123 -2.89 1.63 2.58
N THR A 124 -2.24 0.53 2.21
CA THR A 124 -2.03 0.19 0.79
C THR A 124 -3.36 0.12 0.05
N HIS A 125 -3.33 0.59 -1.21
CA HIS A 125 -4.55 0.74 -2.05
C HIS A 125 -4.15 0.61 -3.52
N GLY A 126 -5.14 0.33 -4.36
CA GLY A 126 -5.01 0.49 -5.80
C GLY A 126 -5.76 1.73 -6.24
N SER A 127 -6.47 1.65 -7.36
CA SER A 127 -7.29 2.76 -7.83
C SER A 127 -8.72 2.35 -8.11
N GLY A 128 -9.52 3.39 -8.36
CA GLY A 128 -10.92 3.25 -8.73
C GLY A 128 -11.83 3.91 -7.71
N VAL A 129 -12.75 4.67 -8.28
CA VAL A 129 -13.57 5.58 -7.48
C VAL A 129 -14.43 4.85 -6.43
N GLY A 130 -14.82 3.65 -6.74
CA GLY A 130 -15.66 2.84 -5.87
C GLY A 130 -14.91 1.76 -5.14
N ASN A 131 -13.57 1.73 -5.24
CA ASN A 131 -12.81 0.66 -4.66
C ASN A 131 -12.16 1.11 -3.40
N GLY A 132 -12.41 0.39 -2.31
CA GLY A 132 -11.77 0.66 -1.04
C GLY A 132 -10.32 0.24 -1.04
N SER A 133 -9.64 0.60 0.02
CA SER A 133 -8.24 0.15 0.27
C SER A 133 -8.11 -1.37 0.39
N LEU A 134 -6.88 -1.87 0.33
CA LEU A 134 -6.72 -3.31 0.52
C LEU A 134 -7.25 -3.77 1.88
N ALA A 135 -7.12 -2.94 2.93
CA ALA A 135 -7.60 -3.28 4.25
C ALA A 135 -9.12 -3.47 4.30
N SER A 136 -9.83 -2.81 3.37
CA SER A 136 -11.29 -2.72 3.49
C SER A 136 -11.99 -4.06 3.32
N VAL A 137 -11.32 -5.08 2.75
CA VAL A 137 -11.94 -6.39 2.60
C VAL A 137 -11.60 -7.33 3.76
N VAL A 138 -10.78 -6.90 4.71
CA VAL A 138 -10.45 -7.74 5.85
C VAL A 138 -11.63 -7.74 6.82
N ARG A 139 -12.07 -8.97 7.19
CA ARG A 139 -13.17 -9.12 8.13
C ARG A 139 -12.76 -9.63 9.50
N GLU A 140 -11.51 -10.05 9.66
CA GLU A 140 -11.04 -10.55 10.96
C GLU A 140 -9.52 -10.53 10.95
N VAL A 141 -8.94 -10.20 12.12
CA VAL A 141 -7.49 -10.32 12.33
CA VAL A 141 -7.50 -10.20 12.36
C VAL A 141 -7.24 -11.12 13.58
N GLU A 142 -6.13 -11.83 13.57
CA GLU A 142 -5.65 -12.63 14.69
C GLU A 142 -4.29 -12.08 15.10
N LEU A 143 -4.15 -11.65 16.35
CA LEU A 143 -2.96 -11.00 16.87
C LEU A 143 -2.33 -11.85 17.96
N VAL A 144 -1.00 -11.98 17.90
CA VAL A 144 -0.20 -12.40 19.08
C VAL A 144 0.22 -11.10 19.77
N THR A 145 -0.31 -10.91 20.98
CA THR A 145 -0.12 -9.68 21.74
C THR A 145 1.14 -9.78 22.61
N ALA A 146 1.43 -8.70 23.31
CA ALA A 146 2.70 -8.51 24.03
C ALA A 146 3.06 -9.61 25.04
N ASP A 147 2.06 -10.23 25.66
CA ASP A 147 2.32 -11.31 26.62
C ASP A 147 2.31 -12.70 25.94
N GLY A 148 2.23 -12.74 24.62
CA GLY A 148 2.21 -13.95 23.86
C GLY A 148 0.83 -14.51 23.57
N SER A 149 -0.22 -13.97 24.17
CA SER A 149 -1.56 -14.53 23.99
C SER A 149 -2.20 -14.00 22.71
N THR A 150 -3.16 -14.75 22.18
CA THR A 150 -3.89 -14.35 20.97
C THR A 150 -5.14 -13.56 21.28
N VAL A 151 -5.38 -12.50 20.51
CA VAL A 151 -6.65 -11.76 20.52
C VAL A 151 -7.17 -11.74 19.08
N VAL A 152 -8.42 -12.15 18.89
CA VAL A 152 -9.07 -12.13 17.59
C VAL A 152 -10.07 -11.00 17.57
N ILE A 153 -10.06 -10.14 16.55
CA ILE A 153 -10.96 -9.02 16.43
C ILE A 153 -11.61 -9.08 15.04
N ALA A 154 -12.94 -9.10 15.03
CA ALA A 154 -13.75 -9.24 13.81
C ALA A 154 -14.57 -7.97 13.52
N ARG A 155 -14.95 -7.82 12.25
CA ARG A 155 -15.76 -6.75 11.77
C ARG A 155 -17.04 -6.74 12.63
N GLY A 156 -17.43 -5.56 13.08
CA GLY A 156 -18.59 -5.42 13.97
C GLY A 156 -18.19 -5.16 15.41
N ASP A 157 -17.00 -5.62 15.82
CA ASP A 157 -16.41 -5.31 17.12
C ASP A 157 -16.09 -3.82 17.15
N GLU A 158 -16.42 -3.16 18.24
CA GLU A 158 -16.18 -1.74 18.35
C GLU A 158 -14.70 -1.34 18.12
N ARG A 159 -13.80 -2.26 18.36
CA ARG A 159 -12.37 -2.03 18.17
C ARG A 159 -11.89 -2.21 16.72
N PHE A 160 -12.71 -2.81 15.84
CA PHE A 160 -12.20 -3.27 14.58
C PHE A 160 -11.69 -2.15 13.70
N GLY A 161 -12.24 -0.95 13.81
CA GLY A 161 -11.77 0.19 13.02
C GLY A 161 -10.32 0.56 13.27
N GLY A 162 -9.74 0.11 14.38
CA GLY A 162 -8.33 0.31 14.63
C GLY A 162 -7.44 -0.91 14.46
N ALA A 163 -8.01 -2.05 14.06
CA ALA A 163 -7.36 -3.35 14.20
C ALA A 163 -6.66 -3.87 12.92
N VAL A 164 -6.92 -3.25 11.76
CA VAL A 164 -6.36 -3.73 10.48
C VAL A 164 -5.20 -2.86 10.07
N THR A 165 -5.47 -1.57 9.86
CA THR A 165 -4.42 -0.62 9.54
C THR A 165 -3.88 0.00 10.81
N SER A 166 -2.96 -0.73 11.44
CA SER A 166 -2.55 -0.42 12.82
C SER A 166 -1.07 -0.09 12.94
N LEU A 167 -0.34 0.02 11.84
CA LEU A 167 1.09 0.27 11.86
C LEU A 167 1.82 -0.82 12.67
N GLY A 168 1.28 -2.02 12.74
CA GLY A 168 1.88 -3.04 13.57
C GLY A 168 1.90 -2.79 15.07
N ALA A 169 1.11 -1.84 15.55
CA ALA A 169 1.27 -1.36 16.91
C ALA A 169 0.46 -2.14 17.94
N LEU A 170 -0.33 -3.13 17.52
CA LEU A 170 -1.15 -3.91 18.46
C LEU A 170 -0.57 -5.29 18.78
N GLY A 171 0.42 -5.75 18.00
CA GLY A 171 0.87 -7.11 18.09
C GLY A 171 1.19 -7.68 16.71
N VAL A 172 1.57 -8.93 16.71
CA VAL A 172 1.94 -9.64 15.47
C VAL A 172 0.68 -10.22 14.85
N VAL A 173 0.34 -9.80 13.64
CA VAL A 173 -0.81 -10.38 12.95
C VAL A 173 -0.41 -11.71 12.34
N THR A 174 -0.89 -12.81 12.90
CA THR A 174 -0.51 -14.11 12.41
C THR A 174 -1.41 -14.58 11.30
N SER A 175 -2.69 -14.15 11.30
CA SER A 175 -3.71 -14.56 10.30
CA SER A 175 -3.57 -14.45 10.17
CA SER A 175 -3.65 -14.52 10.23
C SER A 175 -4.67 -13.40 10.07
N LEU A 176 -5.22 -13.33 8.87
CA LEU A 176 -6.28 -12.38 8.48
C LEU A 176 -7.27 -13.14 7.64
N THR A 177 -8.54 -12.76 7.72
CA THR A 177 -9.55 -13.34 6.85
C THR A 177 -10.13 -12.21 5.99
N LEU A 178 -10.23 -12.45 4.67
CA LEU A 178 -10.66 -11.46 3.66
C LEU A 178 -11.92 -11.98 2.99
N ASP A 179 -12.80 -11.05 2.63
CA ASP A 179 -13.98 -11.30 1.82
C ASP A 179 -13.65 -11.30 0.33
N LEU A 180 -14.36 -12.12 -0.44
CA LEU A 180 -14.09 -12.36 -1.86
C LEU A 180 -15.39 -12.19 -2.68
N GLU A 181 -15.21 -12.05 -3.97
CA GLU A 181 -16.31 -11.98 -4.95
C GLU A 181 -16.02 -12.98 -6.07
N PRO A 182 -17.04 -13.28 -6.93
CA PRO A 182 -16.77 -14.17 -8.04
C PRO A 182 -15.64 -13.68 -8.94
N ALA A 183 -14.85 -14.61 -9.45
CA ALA A 183 -13.78 -14.27 -10.36
C ALA A 183 -14.34 -13.53 -11.57
N TYR A 184 -13.61 -12.52 -12.04
CA TYR A 184 -14.06 -11.64 -13.13
C TYR A 184 -12.88 -11.36 -14.06
N GLU A 185 -13.24 -11.05 -15.30
CA GLU A 185 -12.35 -10.75 -16.42
CA GLU A 185 -12.22 -10.74 -16.29
C GLU A 185 -12.15 -9.23 -16.55
N MET A 186 -10.98 -8.81 -17.02
CA MET A 186 -10.69 -7.41 -17.25
C MET A 186 -9.88 -7.23 -18.53
N GLU A 187 -9.93 -5.98 -19.02
CA GLU A 187 -9.14 -5.53 -20.16
C GLU A 187 -8.37 -4.28 -19.73
N GLN A 188 -7.12 -4.14 -20.13
CA GLN A 188 -6.29 -2.97 -19.80
C GLN A 188 -5.98 -2.21 -21.08
N HIS A 189 -6.45 -0.98 -21.17
CA HIS A 189 -6.32 -0.10 -22.30
C HIS A 189 -5.48 1.11 -21.90
N VAL A 190 -4.37 1.36 -22.58
CA VAL A 190 -3.48 2.46 -22.21
C VAL A 190 -3.58 3.53 -23.29
N PHE A 191 -3.42 4.78 -22.85
CA PHE A 191 -3.50 5.98 -23.67
C PHE A 191 -2.33 6.89 -23.35
N THR A 192 -1.96 7.74 -24.31
CA THR A 192 -0.89 8.67 -24.08
C THR A 192 -1.36 10.10 -24.30
N GLU A 193 -0.80 11.02 -23.51
CA GLU A 193 -0.98 12.46 -23.62
C GLU A 193 -2.38 12.91 -23.25
N LEU A 194 -2.63 13.07 -21.97
CA LEU A 194 -3.84 13.68 -21.46
C LEU A 194 -3.49 15.08 -20.93
N PRO A 195 -3.96 16.15 -21.58
CA PRO A 195 -3.64 17.48 -21.03
C PRO A 195 -4.21 17.73 -19.63
N LEU A 196 -3.49 18.53 -18.87
CA LEU A 196 -4.05 19.15 -17.68
C LEU A 196 -4.92 20.36 -18.07
N ALA A 197 -4.56 21.10 -19.11
CA ALA A 197 -5.36 22.23 -19.59
C ALA A 197 -6.69 21.69 -20.07
N GLY A 198 -7.78 22.24 -19.57
CA GLY A 198 -9.11 21.77 -19.93
C GLY A 198 -9.58 20.56 -19.16
N LEU A 199 -8.76 20.02 -18.28
CA LEU A 199 -9.14 18.91 -17.40
C LEU A 199 -9.94 19.58 -16.29
N ASP A 200 -11.21 19.81 -16.58
CA ASP A 200 -12.12 20.53 -15.70
C ASP A 200 -12.84 19.55 -14.78
N PRO A 201 -13.66 20.05 -13.84
CA PRO A 201 -14.25 19.09 -12.92
C PRO A 201 -14.99 17.92 -13.57
N ALA A 202 -15.77 18.20 -14.60
CA ALA A 202 -16.53 17.15 -15.26
C ALA A 202 -15.62 16.18 -16.01
N THR A 203 -14.63 16.68 -16.70
CA THR A 203 -13.72 15.85 -17.46
C THR A 203 -12.86 14.99 -16.53
N PHE A 204 -12.37 15.58 -15.44
CA PHE A 204 -11.58 14.81 -14.48
C PHE A 204 -12.41 13.68 -13.92
N GLU A 205 -13.65 13.96 -13.51
CA GLU A 205 -14.50 12.88 -13.02
C GLU A 205 -14.77 11.80 -14.06
N THR A 206 -15.05 12.22 -15.29
CA THR A 206 -15.27 11.24 -16.36
C THR A 206 -14.05 10.36 -16.58
N VAL A 207 -12.87 10.95 -16.63
CA VAL A 207 -11.67 10.20 -16.85
C VAL A 207 -11.44 9.20 -15.72
N MET A 208 -11.49 9.66 -14.47
CA MET A 208 -11.14 8.78 -13.37
C MET A 208 -12.15 7.67 -13.16
N ALA A 209 -13.40 7.86 -13.61
CA ALA A 209 -14.50 6.90 -13.53
C ALA A 209 -14.69 6.10 -14.83
N ALA A 210 -13.81 6.24 -15.82
CA ALA A 210 -14.01 5.66 -17.17
C ALA A 210 -13.82 4.14 -17.15
N ALA A 211 -13.17 3.62 -16.11
CA ALA A 211 -13.02 2.17 -15.94
C ALA A 211 -13.01 1.92 -14.44
N TYR A 212 -13.11 0.63 -14.11
CA TYR A 212 -13.10 0.13 -12.74
C TYR A 212 -11.94 0.68 -11.93
N SER A 213 -10.74 0.68 -12.52
CA SER A 213 -9.56 1.30 -11.92
C SER A 213 -8.87 2.15 -13.00
N VAL A 214 -8.58 3.41 -12.70
CA VAL A 214 -7.88 4.32 -13.61
C VAL A 214 -6.71 4.99 -12.92
N SER A 215 -5.54 4.96 -13.55
CA SER A 215 -4.38 5.73 -13.10
C SER A 215 -3.97 6.72 -14.18
N LEU A 216 -3.51 7.90 -13.74
CA LEU A 216 -2.78 8.82 -14.62
C LEU A 216 -1.28 8.77 -14.23
N PHE A 217 -0.39 8.90 -15.21
CA PHE A 217 1.04 9.00 -14.96
C PHE A 217 1.59 10.28 -15.59
N THR A 218 2.55 10.89 -14.93
CA THR A 218 3.28 12.02 -15.50
C THR A 218 4.71 12.09 -15.00
N ASP A 219 5.53 12.75 -15.82
CA ASP A 219 6.88 13.09 -15.50
C ASP A 219 7.09 14.50 -14.93
N TRP A 220 5.99 15.27 -14.87
CA TRP A 220 6.05 16.69 -14.48
C TRP A 220 7.05 17.50 -15.28
N ARG A 221 7.23 17.13 -16.54
CA ARG A 221 8.09 17.87 -17.45
CA ARG A 221 8.11 17.84 -17.48
C ARG A 221 7.22 18.70 -18.36
N ALA A 222 6.86 18.22 -19.54
CA ALA A 222 5.89 18.98 -20.35
C ALA A 222 4.58 19.09 -19.56
N PRO A 223 3.81 20.15 -19.74
CA PRO A 223 2.50 20.25 -19.07
C PRO A 223 1.65 18.99 -19.34
N GLY A 224 0.84 18.61 -18.35
CA GLY A 224 -0.10 17.53 -18.52
C GLY A 224 0.46 16.18 -18.10
N PHE A 225 -0.29 15.15 -18.51
CA PHE A 225 -0.03 13.76 -18.16
C PHE A 225 0.46 12.98 -19.36
N ARG A 226 1.43 12.11 -19.14
CA ARG A 226 2.04 11.30 -20.16
C ARG A 226 1.19 10.05 -20.50
N GLN A 227 0.57 9.43 -19.50
CA GLN A 227 -0.19 8.18 -19.77
C GLN A 227 -1.47 8.14 -18.97
N VAL A 228 -2.44 7.37 -19.45
CA VAL A 228 -3.64 7.04 -18.76
C VAL A 228 -3.85 5.51 -18.88
N TRP A 229 -3.98 4.80 -17.77
CA TRP A 229 -4.24 3.34 -17.79
C TRP A 229 -5.65 3.09 -17.31
N LEU A 230 -6.46 2.46 -18.18
CA LEU A 230 -7.83 2.02 -17.88
CA LEU A 230 -7.82 2.03 -17.87
C LEU A 230 -7.86 0.52 -17.66
N LYS A 231 -8.22 0.10 -16.45
CA LYS A 231 -8.41 -1.31 -16.14
C LYS A 231 -9.91 -1.55 -16.00
N ARG A 232 -10.48 -2.10 -17.08
CA ARG A 232 -11.94 -2.24 -17.29
C ARG A 232 -12.41 -3.64 -16.99
N ARG A 233 -13.49 -3.75 -16.22
CA ARG A 233 -14.17 -5.05 -16.10
C ARG A 233 -14.97 -5.32 -17.38
N THR A 234 -14.81 -6.51 -17.91
CA THR A 234 -15.61 -6.87 -19.10
C THR A 234 -17.10 -6.99 -18.82
N ASP A 235 -17.49 -7.14 -17.55
CA ASP A 235 -18.90 -7.13 -17.20
C ASP A 235 -19.49 -5.73 -16.99
N ARG A 236 -18.73 -4.70 -17.36
CA ARG A 236 -19.16 -3.31 -17.34
C ARG A 236 -18.92 -2.65 -18.69
N PRO A 237 -19.69 -1.61 -19.01
CA PRO A 237 -19.48 -0.92 -20.29
C PRO A 237 -18.16 -0.17 -20.36
N LEU A 238 -17.61 -0.09 -21.57
CA LEU A 238 -16.47 0.74 -21.86
C LEU A 238 -16.92 1.74 -22.95
N ASP A 239 -17.06 3.01 -22.59
CA ASP A 239 -17.37 4.05 -23.56
C ASP A 239 -16.14 4.46 -24.35
N GLY A 240 -16.33 5.20 -25.44
CA GLY A 240 -15.19 5.77 -26.14
C GLY A 240 -14.44 6.66 -25.16
N PHE A 241 -13.14 6.74 -25.37
CA PHE A 241 -12.27 7.53 -24.52
C PHE A 241 -11.54 8.50 -25.42
N PRO A 242 -12.17 9.65 -25.72
CA PRO A 242 -11.56 10.58 -26.66
C PRO A 242 -10.45 11.46 -26.11
N TYR A 243 -10.20 11.36 -24.79
CA TYR A 243 -9.42 12.37 -24.09
C TYR A 243 -7.91 12.27 -24.28
N ALA A 244 -7.42 11.11 -24.73
CA ALA A 244 -6.01 10.88 -24.98
C ALA A 244 -5.91 9.87 -26.09
N ALA A 245 -4.73 9.74 -26.69
CA ALA A 245 -4.52 8.89 -27.85
C ALA A 245 -4.29 7.45 -27.46
N PRO A 246 -4.82 6.47 -28.20
CA PRO A 246 -4.53 5.09 -27.85
C PRO A 246 -3.04 4.81 -27.92
N ALA A 247 -2.51 4.05 -26.96
CA ALA A 247 -1.09 3.76 -26.97
C ALA A 247 -0.77 2.91 -28.18
N ALA A 248 0.36 3.24 -28.80
CA ALA A 248 0.88 2.52 -29.97
C ALA A 248 1.72 1.31 -29.54
N GLU A 249 2.27 1.35 -28.33
CA GLU A 249 3.22 0.36 -27.84
C GLU A 249 2.82 -0.09 -26.43
N LYS A 250 3.30 -1.24 -26.01
CA LYS A 250 3.16 -1.64 -24.61
C LYS A 250 3.96 -0.66 -23.74
N MET A 251 3.37 -0.22 -22.63
CA MET A 251 3.96 0.82 -21.79
C MET A 251 4.37 0.32 -20.41
N HIS A 252 5.35 1.02 -19.83
CA HIS A 252 5.74 0.92 -18.41
C HIS A 252 5.42 2.28 -17.74
N PRO A 253 4.97 2.29 -16.49
CA PRO A 253 4.80 3.55 -15.71
C PRO A 253 5.97 4.52 -15.75
N VAL A 254 7.19 3.99 -15.81
CA VAL A 254 8.43 4.79 -15.82
C VAL A 254 9.01 4.73 -17.23
N PRO A 255 9.00 5.88 -17.91
CA PRO A 255 9.55 5.88 -19.26
C PRO A 255 10.97 5.28 -19.34
N GLY A 256 11.17 4.36 -20.28
CA GLY A 256 12.46 3.72 -20.50
C GLY A 256 12.63 2.39 -19.76
N MET A 257 11.83 2.14 -18.72
CA MET A 257 11.91 0.84 -18.04
C MET A 257 11.21 -0.25 -18.85
N PRO A 258 11.55 -1.51 -18.58
CA PRO A 258 11.10 -2.59 -19.49
C PRO A 258 9.59 -2.90 -19.41
N ALA A 259 8.86 -2.67 -20.51
CA ALA A 259 7.44 -2.95 -20.54
C ALA A 259 7.13 -4.45 -20.42
N VAL A 260 8.13 -5.32 -20.69
CA VAL A 260 7.95 -6.77 -20.42
C VAL A 260 7.52 -7.04 -18.98
N ASN A 261 7.96 -6.19 -18.06
CA ASN A 261 7.62 -6.34 -16.66
C ASN A 261 6.15 -6.17 -16.36
N CYS A 262 5.40 -5.50 -17.26
CA CYS A 262 4.05 -5.05 -16.96
C CYS A 262 2.98 -6.05 -17.42
N THR A 263 1.82 -5.91 -16.82
CA THR A 263 0.65 -6.70 -17.20
C THR A 263 0.20 -6.32 -18.63
N GLU A 264 -0.52 -7.26 -19.23
CA GLU A 264 -0.91 -7.21 -20.67
CA GLU A 264 -0.86 -7.15 -20.66
C GLU A 264 -1.86 -6.04 -20.95
N GLN A 265 -1.64 -5.36 -22.09
CA GLN A 265 -2.35 -4.17 -22.50
C GLN A 265 -3.08 -4.41 -23.83
N PHE A 266 -3.38 -3.36 -24.58
CA PHE A 266 -4.13 -3.46 -25.86
C PHE A 266 -5.52 -4.04 -25.69
N GLY A 267 -6.07 -3.95 -24.47
CA GLY A 267 -7.44 -4.36 -24.22
C GLY A 267 -7.68 -5.83 -24.32
N VAL A 268 -6.63 -6.65 -24.31
CA VAL A 268 -6.79 -8.11 -24.39
C VAL A 268 -7.37 -8.64 -23.07
N PRO A 269 -8.53 -9.32 -23.10
CA PRO A 269 -9.10 -9.80 -21.85
C PRO A 269 -8.25 -10.84 -21.12
N GLY A 270 -8.25 -10.76 -19.79
CA GLY A 270 -7.64 -11.77 -18.95
C GLY A 270 -8.20 -11.65 -17.56
N PRO A 271 -7.82 -12.58 -16.66
CA PRO A 271 -8.36 -12.56 -15.31
C PRO A 271 -7.94 -11.32 -14.51
N TRP A 272 -8.81 -10.96 -13.60
CA TRP A 272 -8.60 -9.85 -12.63
C TRP A 272 -7.18 -9.74 -12.08
N HIS A 273 -6.60 -10.83 -11.59
CA HIS A 273 -5.30 -10.74 -10.91
C HIS A 273 -4.11 -10.62 -11.85
N GLU A 274 -4.36 -10.69 -13.16
CA GLU A 274 -3.37 -10.46 -14.19
C GLU A 274 -3.61 -9.10 -14.89
N ARG A 275 -4.50 -8.28 -14.34
CA ARG A 275 -4.84 -7.01 -14.89
C ARG A 275 -4.84 -5.87 -13.85
N LEU A 276 -5.21 -6.14 -12.61
CA LEU A 276 -5.19 -5.12 -11.56
C LEU A 276 -3.79 -4.63 -11.23
N PRO A 277 -2.80 -5.53 -11.01
CA PRO A 277 -1.43 -5.02 -10.83
C PRO A 277 -0.95 -4.39 -12.14
N HIS A 278 0.05 -3.50 -11.98
CA HIS A 278 0.76 -3.00 -13.17
C HIS A 278 1.88 -3.94 -13.61
N PHE A 279 2.31 -4.85 -12.71
CA PHE A 279 3.48 -5.72 -12.91
C PHE A 279 3.06 -7.18 -12.86
N ARG A 280 3.54 -7.93 -13.85
CA ARG A 280 3.19 -9.34 -13.97
C ARG A 280 3.82 -10.19 -12.88
N ALA A 281 3.16 -11.30 -12.56
CA ALA A 281 3.63 -12.11 -11.46
C ALA A 281 5.02 -12.69 -11.71
N GLU A 282 5.32 -12.96 -12.97
CA GLU A 282 6.61 -13.52 -13.33
C GLU A 282 7.76 -12.59 -13.01
N PHE A 283 7.50 -11.27 -12.89
CA PHE A 283 8.52 -10.27 -12.61
C PHE A 283 8.83 -10.24 -11.10
N THR A 284 10.03 -10.70 -10.73
CA THR A 284 10.35 -10.96 -9.32
C THR A 284 11.65 -10.25 -8.88
N PRO A 285 11.65 -8.93 -8.76
CA PRO A 285 12.85 -8.18 -8.34
C PRO A 285 13.13 -8.37 -6.85
N SER A 286 14.38 -8.69 -6.50
CA SER A 286 14.74 -8.88 -5.10
C SER A 286 15.01 -7.55 -4.38
N SER A 287 15.17 -6.47 -5.11
CA SER A 287 15.32 -5.10 -4.58
C SER A 287 14.95 -4.16 -5.72
N GLY A 288 14.86 -2.86 -5.44
CA GLY A 288 14.62 -1.81 -6.43
C GLY A 288 15.41 -0.58 -6.05
N ALA A 289 15.97 0.08 -7.07
CA ALA A 289 16.72 1.35 -6.90
C ALA A 289 15.71 2.49 -7.02
N GLU A 290 14.88 2.66 -6.00
CA GLU A 290 13.89 3.73 -5.98
C GLU A 290 13.56 4.14 -4.55
N LEU A 291 13.00 5.34 -4.41
CA LEU A 291 12.25 5.74 -3.23
C LEU A 291 10.81 6.00 -3.65
N GLN A 292 9.91 6.09 -2.67
CA GLN A 292 8.50 6.37 -2.96
C GLN A 292 7.95 7.31 -1.92
N SER A 293 7.03 8.18 -2.33
CA SER A 293 6.20 9.00 -1.44
C SER A 293 4.77 8.96 -2.01
N GLU A 294 3.77 9.15 -1.15
CA GLU A 294 2.40 9.36 -1.70
C GLU A 294 1.60 10.18 -0.70
N TYR A 295 0.71 11.01 -1.25
CA TYR A 295 -0.15 11.90 -0.47
C TYR A 295 -1.60 11.70 -0.83
N LEU A 296 -2.41 11.56 0.19
CA LEU A 296 -3.82 11.14 0.03
C LEU A 296 -4.68 12.26 0.59
N MET A 297 -5.50 12.83 -0.30
CA MET A 297 -6.28 14.05 -0.03
C MET A 297 -7.76 13.83 -0.27
N PRO A 298 -8.63 14.67 0.30
CA PRO A 298 -10.05 14.64 -0.08
C PRO A 298 -10.16 14.74 -1.61
N ARG A 299 -11.03 13.93 -2.20
CA ARG A 299 -11.14 13.89 -3.65
CA ARG A 299 -11.22 13.90 -3.63
C ARG A 299 -11.59 15.25 -4.21
N GLU A 300 -12.34 16.05 -3.46
CA GLU A 300 -12.75 17.38 -3.95
C GLU A 300 -11.61 18.34 -4.18
N HIS A 301 -10.42 18.06 -3.67
CA HIS A 301 -9.25 18.88 -3.88
C HIS A 301 -8.39 18.44 -5.07
N ALA A 302 -8.83 17.43 -5.83
CA ALA A 302 -7.97 16.86 -6.88
C ALA A 302 -7.41 17.91 -7.81
N LEU A 303 -8.26 18.74 -8.42
CA LEU A 303 -7.75 19.69 -9.40
C LEU A 303 -6.85 20.73 -8.77
N ALA A 304 -7.21 21.25 -7.60
CA ALA A 304 -6.38 22.27 -6.96
C ALA A 304 -5.02 21.68 -6.59
N ALA A 305 -5.00 20.44 -6.14
CA ALA A 305 -3.74 19.78 -5.79
C ALA A 305 -2.88 19.53 -7.04
N LEU A 306 -3.49 19.09 -8.13
CA LEU A 306 -2.75 18.85 -9.37
C LEU A 306 -2.20 20.19 -9.88
N HIS A 307 -2.96 21.28 -9.73
CA HIS A 307 -2.50 22.57 -10.16
C HIS A 307 -1.37 23.13 -9.30
N ALA A 308 -1.40 22.86 -7.99
CA ALA A 308 -0.29 23.24 -7.11
C ALA A 308 0.98 22.48 -7.51
N MET A 309 0.85 21.18 -7.83
CA MET A 309 2.00 20.39 -8.25
CA MET A 309 1.99 20.36 -8.30
C MET A 309 2.51 20.87 -9.63
N ASP A 310 1.62 21.18 -10.56
CA ASP A 310 2.01 21.72 -11.86
C ASP A 310 2.85 23.00 -11.69
N ALA A 311 2.45 23.86 -10.73
CA ALA A 311 3.17 25.12 -10.52
C ALA A 311 4.60 24.88 -10.05
N ILE A 312 4.87 23.77 -9.36
CA ILE A 312 6.25 23.43 -8.92
C ILE A 312 6.86 22.29 -9.74
N ARG A 313 6.36 22.06 -10.96
CA ARG A 313 6.78 20.91 -11.78
CA ARG A 313 6.81 20.87 -11.65
C ARG A 313 8.29 20.87 -11.96
N GLU A 314 8.93 22.03 -12.12
CA GLU A 314 10.36 22.06 -12.35
C GLU A 314 11.16 21.59 -11.14
N THR A 315 10.61 21.74 -9.96
CA THR A 315 11.22 21.22 -8.74
C THR A 315 11.05 19.72 -8.59
N LEU A 316 9.88 19.21 -8.98
CA LEU A 316 9.58 17.78 -8.90
C LEU A 316 10.35 16.94 -9.92
N ALA A 317 10.40 17.40 -11.16
CA ALA A 317 10.83 16.56 -12.27
C ALA A 317 12.25 15.94 -12.12
N PRO A 318 13.26 16.72 -11.68
CA PRO A 318 14.65 16.16 -11.79
C PRO A 318 14.95 14.91 -10.97
N VAL A 319 14.18 14.69 -9.92
CA VAL A 319 14.39 13.54 -9.05
C VAL A 319 13.30 12.47 -9.23
N LEU A 320 12.48 12.61 -10.26
CA LEU A 320 11.29 11.79 -10.44
C LEU A 320 11.48 10.69 -11.47
N GLN A 321 11.11 9.45 -11.12
CA GLN A 321 10.93 8.39 -12.13
C GLN A 321 9.51 8.45 -12.73
N THR A 322 8.47 8.47 -11.92
CA THR A 322 7.10 8.69 -12.39
C THR A 322 6.21 9.13 -11.24
N CYS A 323 5.17 9.92 -11.57
CA CYS A 323 4.10 10.27 -10.64
C CYS A 323 2.82 9.60 -11.13
N GLU A 324 2.07 9.01 -10.20
CA GLU A 324 0.83 8.30 -10.49
C GLU A 324 -0.30 8.93 -9.67
N ILE A 325 -1.41 9.26 -10.35
CA ILE A 325 -2.62 9.77 -9.74
C ILE A 325 -3.71 8.69 -9.72
N ARG A 326 -4.26 8.45 -8.51
CA ARG A 326 -5.25 7.42 -8.31
C ARG A 326 -6.39 7.92 -7.44
N THR A 327 -7.46 7.13 -7.35
CA THR A 327 -8.58 7.41 -6.44
C THR A 327 -8.76 6.23 -5.51
N VAL A 328 -9.36 6.51 -4.35
CA VAL A 328 -9.63 5.46 -3.31
C VAL A 328 -10.96 5.82 -2.62
N ALA A 329 -11.84 4.86 -2.43
CA ALA A 329 -13.07 5.09 -1.68
C ALA A 329 -12.75 5.27 -0.18
N ALA A 330 -13.61 6.06 0.50
CA ALA A 330 -13.49 6.30 1.93
C ALA A 330 -13.29 5.00 2.69
N ASP A 331 -12.37 5.03 3.66
CA ASP A 331 -12.00 3.86 4.49
C ASP A 331 -12.53 3.99 5.90
N ALA A 332 -13.01 2.88 6.46
CA ALA A 332 -13.43 2.85 7.86
C ALA A 332 -12.24 2.77 8.83
N GLN A 333 -11.07 2.33 8.38
CA GLN A 333 -9.93 2.19 9.32
C GLN A 333 -9.42 3.57 9.75
N TRP A 334 -9.35 3.75 11.07
CA TRP A 334 -9.03 5.01 11.73
C TRP A 334 -7.71 5.62 11.26
N LEU A 335 -6.71 4.78 11.00
CA LEU A 335 -5.40 5.27 10.60
C LEU A 335 -5.20 5.20 9.07
N SER A 336 -6.19 4.75 8.29
CA SER A 336 -5.99 4.80 6.83
C SER A 336 -5.81 6.25 6.38
N PRO A 337 -4.86 6.47 5.45
CA PRO A 337 -4.83 7.79 4.84
C PRO A 337 -6.12 8.17 4.11
N ALA A 338 -6.91 7.18 3.72
CA ALA A 338 -8.23 7.39 3.10
C ALA A 338 -9.35 7.39 4.13
N TYR A 339 -9.04 7.45 5.44
CA TYR A 339 -10.09 7.43 6.45
C TYR A 339 -11.19 8.44 6.16
N GLY A 340 -12.43 7.96 6.16
CA GLY A 340 -13.61 8.78 6.26
C GLY A 340 -13.94 9.63 5.05
N ARG A 341 -13.20 9.55 3.94
CA ARG A 341 -13.44 10.48 2.86
C ARG A 341 -12.99 9.84 1.56
N ASP A 342 -13.78 10.02 0.52
CA ASP A 342 -13.32 9.62 -0.81
C ASP A 342 -12.08 10.45 -1.13
N THR A 343 -11.12 9.81 -1.80
CA THR A 343 -9.74 10.27 -1.82
C THR A 343 -9.17 10.32 -3.22
N VAL A 344 -8.31 11.31 -3.44
CA VAL A 344 -7.42 11.34 -4.56
C VAL A 344 -5.97 11.17 -3.98
N ALA A 345 -5.17 10.36 -4.67
CA ALA A 345 -3.81 10.01 -4.19
C ALA A 345 -2.83 10.48 -5.27
N ALA A 346 -1.74 11.08 -4.83
CA ALA A 346 -0.63 11.49 -5.70
C ALA A 346 0.64 10.80 -5.20
N HIS A 347 1.09 9.83 -6.00
CA HIS A 347 2.23 8.97 -5.73
C HIS A 347 3.43 9.40 -6.54
N PHE A 348 4.61 9.34 -5.94
CA PHE A 348 5.88 9.67 -6.60
C PHE A 348 6.85 8.52 -6.40
N THR A 349 7.34 7.94 -7.50
CA THR A 349 8.49 7.04 -7.49
C THR A 349 9.69 7.89 -7.84
N TRP A 350 10.59 8.05 -6.88
CA TRP A 350 11.77 8.89 -7.03
C TRP A 350 12.99 8.06 -7.41
N VAL A 351 14.00 8.76 -7.95
CA VAL A 351 15.34 8.19 -8.01
CA VAL A 351 15.34 8.22 -8.03
C VAL A 351 15.83 7.96 -6.58
N GLU A 352 16.67 6.94 -6.38
CA GLU A 352 17.13 6.58 -5.04
C GLU A 352 18.33 7.50 -4.68
N ASP A 353 18.00 8.73 -4.28
CA ASP A 353 19.01 9.71 -3.89
C ASP A 353 18.39 10.48 -2.74
N THR A 354 18.58 9.98 -1.53
CA THR A 354 17.88 10.55 -0.39
C THR A 354 18.17 12.03 -0.20
N ALA A 355 19.45 12.40 -0.32
CA ALA A 355 19.84 13.81 -0.11
C ALA A 355 19.18 14.75 -1.10
N ALA A 356 19.01 14.33 -2.37
CA ALA A 356 18.39 15.19 -3.37
C ALA A 356 16.88 15.16 -3.23
N VAL A 357 16.32 14.04 -2.80
CA VAL A 357 14.88 13.88 -2.73
C VAL A 357 14.25 14.58 -1.54
N LEU A 358 14.87 14.52 -0.37
CA LEU A 358 14.19 15.07 0.81
C LEU A 358 13.80 16.53 0.65
N PRO A 359 14.67 17.42 0.14
CA PRO A 359 14.22 18.81 -0.05
C PRO A 359 13.04 19.00 -0.99
N VAL A 360 12.94 18.13 -1.99
CA VAL A 360 11.81 18.13 -2.92
C VAL A 360 10.54 17.63 -2.22
N VAL A 361 10.65 16.55 -1.47
CA VAL A 361 9.54 16.08 -0.64
C VAL A 361 9.02 17.19 0.26
N ARG A 362 9.91 17.92 0.93
CA ARG A 362 9.48 18.98 1.85
C ARG A 362 8.71 20.05 1.07
N ARG A 363 9.18 20.45 -0.09
CA ARG A 363 8.51 21.48 -0.89
C ARG A 363 7.15 20.97 -1.36
N LEU A 364 7.06 19.73 -1.79
CA LEU A 364 5.80 19.11 -2.20
C LEU A 364 4.81 19.08 -1.07
N GLU A 365 5.28 18.70 0.13
CA GLU A 365 4.41 18.70 1.29
C GLU A 365 3.86 20.10 1.58
N GLU A 366 4.73 21.10 1.54
CA GLU A 366 4.27 22.48 1.70
C GLU A 366 3.15 22.83 0.70
N ALA A 367 3.31 22.42 -0.53
CA ALA A 367 2.33 22.71 -1.58
C ALA A 367 0.97 22.03 -1.35
N LEU A 368 0.97 20.93 -0.61
CA LEU A 368 -0.24 20.15 -0.38
C LEU A 368 -0.91 20.44 0.97
N VAL A 369 -0.30 21.25 1.83
CA VAL A 369 -0.91 21.60 3.12
C VAL A 369 -2.33 22.13 2.96
N PRO A 370 -2.62 23.00 1.95
CA PRO A 370 -3.99 23.51 1.82
C PRO A 370 -5.04 22.44 1.55
N PHE A 371 -4.62 21.21 1.22
CA PHE A 371 -5.54 20.17 0.79
C PHE A 371 -5.57 19.00 1.75
N ALA A 372 -5.13 19.21 2.99
CA ALA A 372 -5.28 18.22 4.05
C ALA A 372 -4.64 16.90 3.69
N ALA A 373 -3.49 16.94 3.04
CA ALA A 373 -2.81 15.75 2.61
C ALA A 373 -2.28 14.89 3.73
N ARG A 374 -2.60 13.60 3.73
CA ARG A 374 -2.05 12.61 4.63
C ARG A 374 -1.02 11.74 3.88
N PRO A 375 0.20 11.60 4.40
CA PRO A 375 1.17 10.76 3.72
C PRO A 375 0.87 9.26 3.89
N HIS A 376 1.25 8.49 2.90
CA HIS A 376 1.19 7.04 3.03
C HIS A 376 2.22 6.59 4.09
N TRP A 377 1.74 5.84 5.07
CA TRP A 377 2.60 5.44 6.18
C TRP A 377 3.77 4.59 5.80
N GLY A 378 3.73 3.88 4.67
CA GLY A 378 4.82 3.06 4.22
C GLY A 378 5.90 3.80 3.44
N LYS A 379 5.69 5.09 3.15
CA LYS A 379 6.53 5.78 2.13
C LYS A 379 7.29 6.95 2.79
N VAL A 380 8.12 7.63 2.00
CA VAL A 380 8.96 8.70 2.51
C VAL A 380 8.10 9.94 2.71
N PHE A 381 8.19 10.53 3.90
CA PHE A 381 7.48 11.77 4.20
C PHE A 381 8.25 12.52 5.29
N THR A 382 8.07 13.84 5.36
CA THR A 382 8.74 14.70 6.34
C THR A 382 7.74 15.60 7.07
N VAL A 383 6.46 15.27 7.04
CA VAL A 383 5.45 16.02 7.78
C VAL A 383 5.77 15.94 9.28
N PRO A 384 5.90 17.11 9.97
CA PRO A 384 6.14 17.08 11.40
C PRO A 384 5.13 16.29 12.22
N ALA A 385 5.57 15.63 13.28
CA ALA A 385 4.71 14.72 14.03
C ALA A 385 3.40 15.37 14.52
N GLY A 386 3.44 16.57 15.09
CA GLY A 386 2.23 17.17 15.64
C GLY A 386 1.24 17.55 14.54
N GLU A 387 1.77 18.03 13.43
CA GLU A 387 0.96 18.40 12.29
C GLU A 387 0.24 17.16 11.73
N LEU A 388 1.01 16.08 11.68
CA LEU A 388 0.49 14.82 11.17
C LEU A 388 -0.61 14.26 12.09
N ARG A 389 -0.39 14.28 13.38
CA ARG A 389 -1.41 13.81 14.33
C ARG A 389 -2.76 14.51 14.17
N ALA A 390 -2.74 15.80 13.82
CA ALA A 390 -3.94 16.59 13.68
C ALA A 390 -4.80 16.17 12.48
N LEU A 391 -4.22 15.39 11.56
CA LEU A 391 -4.92 14.96 10.33
C LEU A 391 -5.79 13.71 10.53
N TYR A 392 -5.81 13.12 11.72
CA TYR A 392 -6.50 11.85 11.94
C TYR A 392 -7.56 12.01 13.01
N PRO A 393 -8.85 12.10 12.60
CA PRO A 393 -9.94 12.33 13.55
C PRO A 393 -10.02 11.35 14.72
N ARG A 394 -9.75 10.06 14.49
CA ARG A 394 -9.91 9.05 15.49
C ARG A 394 -8.58 8.55 16.05
N LEU A 395 -7.58 9.41 16.03
CA LEU A 395 -6.28 9.08 16.58
C LEU A 395 -6.31 8.75 18.06
N ALA A 396 -7.07 9.51 18.85
CA ALA A 396 -7.16 9.23 20.29
C ALA A 396 -7.78 7.86 20.53
N ASP A 397 -8.79 7.50 19.75
CA ASP A 397 -9.39 6.19 19.85
C ASP A 397 -8.40 5.09 19.54
N PHE A 398 -7.57 5.29 18.52
CA PHE A 398 -6.51 4.36 18.20
C PHE A 398 -5.52 4.21 19.37
N GLY A 399 -5.09 5.33 19.92
CA GLY A 399 -4.20 5.30 21.09
C GLY A 399 -4.77 4.57 22.27
N ALA A 400 -6.07 4.67 22.48
CA ALA A 400 -6.69 3.93 23.57
C ALA A 400 -6.69 2.44 23.30
N LEU A 401 -6.95 2.07 22.05
CA LEU A 401 -6.90 0.66 21.67
C LEU A 401 -5.48 0.07 21.83
N ALA A 402 -4.47 0.79 21.37
CA ALA A 402 -3.11 0.34 21.53
C ALA A 402 -2.75 0.21 23.01
N GLY A 403 -3.19 1.16 23.85
CA GLY A 403 -2.95 1.10 25.29
C GLY A 403 -3.61 -0.08 25.93
N ALA A 404 -4.77 -0.48 25.44
CA ALA A 404 -5.49 -1.62 26.02
C ALA A 404 -4.81 -2.93 25.62
N LEU A 405 -4.43 -3.10 24.37
CA LEU A 405 -3.86 -4.34 23.89
C LEU A 405 -2.35 -4.48 24.16
N ASP A 406 -1.66 -3.35 24.33
CA ASP A 406 -0.20 -3.30 24.48
C ASP A 406 0.15 -2.18 25.50
N PRO A 407 -0.18 -2.37 26.78
CA PRO A 407 -0.01 -1.29 27.79
C PRO A 407 1.38 -0.72 27.94
N ALA A 408 2.41 -1.54 27.77
CA ALA A 408 3.78 -1.08 27.90
C ALA A 408 4.33 -0.55 26.60
N GLY A 409 3.60 -0.66 25.49
CA GLY A 409 4.13 -0.24 24.19
C GLY A 409 5.25 -1.11 23.68
N LYS A 410 5.18 -2.44 23.89
CA LYS A 410 6.14 -3.36 23.29
C LYS A 410 6.31 -3.17 21.78
N PHE A 411 5.17 -2.90 21.09
CA PHE A 411 5.12 -2.75 19.64
C PHE A 411 5.20 -1.32 19.16
N THR A 412 5.44 -0.36 20.06
CA THR A 412 5.64 1.05 19.73
C THR A 412 7.13 1.34 19.54
N ASN A 413 7.54 1.68 18.31
CA ASN A 413 8.88 2.12 18.07
C ASN A 413 8.89 3.63 17.92
N ALA A 414 10.01 4.23 17.54
CA ALA A 414 10.06 5.69 17.41
C ALA A 414 9.04 6.22 16.43
N PHE A 415 8.85 5.50 15.31
CA PHE A 415 7.88 5.91 14.27
C PHE A 415 6.48 5.99 14.88
N VAL A 416 6.05 4.91 15.51
CA VAL A 416 4.72 4.86 16.09
C VAL A 416 4.57 5.82 17.28
N ARG A 417 5.65 5.99 18.04
CA ARG A 417 5.61 6.86 19.25
C ARG A 417 5.22 8.26 18.84
N GLY A 418 5.76 8.75 17.74
CA GLY A 418 5.35 10.08 17.26
C GLY A 418 3.88 10.19 16.83
N VAL A 419 3.27 9.09 16.40
CA VAL A 419 1.84 9.01 16.09
C VAL A 419 1.01 8.98 17.38
N LEU A 420 1.47 8.25 18.39
CA LEU A 420 0.73 8.08 19.67
C LEU A 420 0.94 9.19 20.70
N ALA A 421 1.75 10.20 20.37
CA ALA A 421 2.17 11.21 21.35
C ALA A 421 1.08 12.28 21.50
#